data_1WU1
#
_entry.id   1WU1
#
_cell.length_a   56.569
_cell.length_b   72.487
_cell.length_c   79.020
_cell.angle_alpha   90.00
_cell.angle_beta   90.00
_cell.angle_gamma   90.00
#
_symmetry.space_group_name_H-M   'P 21 21 21'
#
loop_
_entity.id
_entity.type
_entity.pdbx_description
1 polymer 'Coagulation factor X, heavy chain'
2 polymer 'Coagulation factor X, light chain'
3 non-polymer 'CALCIUM ION'
4 non-polymer 5-CHLORO-2-({3-ISOBUTYL-4-[(5-PYRIDIN-4-YLPYRIMIDIN-2-YL)CARBONYL]PIPERAZIN-1-YL}SULFONYL)-1H-INDOLE
5 water water
#
loop_
_entity_poly.entity_id
_entity_poly.type
_entity_poly.pdbx_seq_one_letter_code
_entity_poly.pdbx_strand_id
1 'polypeptide(L)'
;IVGGQECKDGECPWQALLINEENEGFCGGTILSEFYILTAAHCLYQAKRFKVRVGDRNTEQEEGGEAVHEVEVVIKHNRF
TKETYDFDIAVLRLKTPITFRMNVAPACLPERDWAESTLMTQKTGIVSGFGRTHEKGRQSTRLKMLEVPYVDRNSCKLSS
SFIITQNMFCAGYDTKQEDACQGDSGGPHVTRFKDTYFVTGIVSWGEGCARKGKYGIYTKVTAFLKWIDRSMK
;
A
2 'polypeptide(L)'
;KDGDQCETSPCQNQGKCK(BHD)GLGEYTCTCLEGFEGKNCELFTRKLCSLDNGDCDQFCHEEQNSVVCSCARGYTLADN
GKACIPTGPYPCGKQTLER
;
B
#
loop_
_chem_comp.id
_chem_comp.type
_chem_comp.name
_chem_comp.formula
CA non-polymer 'CALCIUM ION' 'Ca 2'
D91 non-polymer 5-CHLORO-2-({3-ISOBUTYL-4-[(5-PYRIDIN-4-YLPYRIMIDIN-2-YL)CARBONYL]PIPERAZIN-1-YL}SULFONYL)-1H-INDOLE 'C26 H27 Cl N6 O3 S'
#
# COMPACT_ATOMS: atom_id res chain seq x y z
N ILE A 1 -13.44 2.24 -3.13
CA ILE A 1 -13.81 1.64 -1.81
C ILE A 1 -15.32 1.61 -1.61
N VAL A 2 -15.79 0.48 -1.07
CA VAL A 2 -17.20 0.24 -0.75
C VAL A 2 -17.21 0.27 0.73
N GLY A 3 -18.05 1.12 1.31
CA GLY A 3 -18.05 1.28 2.73
C GLY A 3 -16.88 2.17 3.10
N GLY A 4 -16.23 1.86 4.22
CA GLY A 4 -15.06 2.60 4.67
C GLY A 4 -15.40 4.00 5.12
N GLN A 5 -14.38 4.83 5.33
CA GLN A 5 -14.59 6.20 5.78
C GLN A 5 -13.75 7.12 4.88
N GLU A 6 -14.00 8.43 4.89
CA GLU A 6 -13.13 9.37 4.16
C GLU A 6 -11.80 9.41 4.82
N CYS A 7 -10.73 9.57 4.03
CA CYS A 7 -9.46 9.94 4.62
C CYS A 7 -9.59 11.41 5.01
N LYS A 8 -9.28 11.70 6.25
CA LYS A 8 -9.42 13.04 6.75
C LYS A 8 -8.09 13.62 6.44
N ASP A 9 -8.02 14.94 6.55
CA ASP A 9 -6.81 15.69 6.34
C ASP A 9 -5.57 15.02 6.90
N GLY A 10 -4.60 14.68 6.07
CA GLY A 10 -3.35 14.15 6.61
C GLY A 10 -3.34 12.68 6.86
N GLU A 11 -4.42 11.96 6.65
CA GLU A 11 -4.47 10.56 7.10
C GLU A 11 -4.00 9.57 6.02
N CYS A 12 -4.10 9.88 4.74
CA CYS A 12 -3.72 8.93 3.71
C CYS A 12 -2.66 9.54 2.78
N PRO A 13 -1.53 10.00 3.37
CA PRO A 13 -0.74 10.89 2.54
C PRO A 13 0.05 10.15 1.43
N TRP A 14 0.14 8.83 1.54
CA TRP A 14 0.96 8.00 0.63
C TRP A 14 0.18 7.62 -0.60
N GLN A 15 -1.03 8.10 -0.73
CA GLN A 15 -1.87 7.71 -1.82
C GLN A 15 -1.46 8.54 -3.02
N ALA A 16 -1.26 7.87 -4.17
CA ALA A 16 -1.10 8.55 -5.47
C ALA A 16 -2.34 8.15 -6.26
N LEU A 17 -2.71 8.94 -7.25
CA LEU A 17 -3.72 8.57 -8.21
C LEU A 17 -3.18 8.65 -9.62
N LEU A 18 -3.28 7.57 -10.39
CA LEU A 18 -2.93 7.64 -11.81
C LEU A 18 -4.15 8.17 -12.57
N ILE A 19 -3.89 9.11 -13.46
CA ILE A 19 -4.92 9.80 -14.21
C ILE A 19 -4.62 9.72 -15.71
N ASN A 20 -5.67 9.52 -16.49
CA ASN A 20 -5.56 9.33 -17.91
C ASN A 20 -5.51 10.68 -18.62
N GLU A 21 -5.57 10.63 -19.96
CA GLU A 21 -5.48 11.82 -20.80
C GLU A 21 -6.58 12.80 -20.45
N GLU A 22 -7.79 12.29 -20.25
CA GLU A 22 -8.89 13.08 -19.72
C GLU A 22 -8.76 13.49 -18.27
N ASN A 23 -7.60 13.30 -17.62
CA ASN A 23 -7.46 13.74 -16.24
C ASN A 23 -8.50 13.08 -15.29
N GLU A 24 -8.85 11.86 -15.63
CA GLU A 24 -9.77 11.06 -14.88
C GLU A 24 -8.98 9.94 -14.20
N GLY A 25 -9.24 9.75 -12.91
CA GLY A 25 -8.55 8.69 -12.12
C GLY A 25 -8.95 7.32 -12.66
N PHE A 26 -7.96 6.47 -12.94
CA PHE A 26 -8.28 5.10 -13.31
C PHE A 26 -7.64 4.03 -12.41
N CYS A 27 -6.70 4.42 -11.54
CA CYS A 27 -5.93 3.47 -10.72
C CYS A 27 -5.19 4.26 -9.65
N GLY A 28 -4.71 3.54 -8.62
CA GLY A 28 -4.12 4.18 -7.46
C GLY A 28 -2.67 3.84 -7.41
N GLY A 29 -1.98 4.36 -6.42
CA GLY A 29 -0.60 4.04 -6.22
C GLY A 29 -0.18 4.44 -4.85
N THR A 30 1.03 4.05 -4.45
CA THR A 30 1.62 4.34 -3.15
C THR A 30 2.95 5.06 -3.43
N ILE A 31 3.13 6.22 -2.79
CA ILE A 31 4.34 6.95 -2.82
C ILE A 31 5.41 6.17 -2.03
N LEU A 32 6.56 5.89 -2.64
CA LEU A 32 7.61 5.23 -1.88
C LEU A 32 8.70 6.14 -1.52
N SER A 33 8.92 7.18 -2.31
CA SER A 33 10.03 8.11 -2.05
C SER A 33 9.67 9.25 -2.97
N GLU A 34 10.51 10.27 -3.03
CA GLU A 34 10.19 11.49 -3.84
C GLU A 34 10.13 11.21 -5.33
N PHE A 35 10.75 10.10 -5.75
CA PHE A 35 10.81 9.73 -7.19
C PHE A 35 10.03 8.54 -7.72
N TYR A 36 9.43 7.74 -6.86
CA TYR A 36 9.00 6.35 -7.17
C TYR A 36 7.69 6.07 -6.54
N ILE A 37 6.77 5.57 -7.37
CA ILE A 37 5.42 5.22 -7.04
C ILE A 37 5.29 3.74 -7.32
N LEU A 38 4.64 3.02 -6.41
CA LEU A 38 4.32 1.61 -6.58
C LEU A 38 2.91 1.47 -7.08
N THR A 39 2.71 0.63 -8.09
CA THR A 39 1.32 0.36 -8.52
C THR A 39 1.15 -1.09 -9.04
N ALA A 40 0.00 -1.41 -9.62
CA ALA A 40 -0.21 -2.78 -10.15
C ALA A 40 0.14 -2.67 -11.62
N ALA A 41 0.75 -3.73 -12.15
CA ALA A 41 1.04 -3.90 -13.57
C ALA A 41 -0.22 -3.88 -14.37
N HIS A 42 -1.22 -4.62 -13.95
CA HIS A 42 -2.51 -4.50 -14.62
C HIS A 42 -3.03 -3.06 -14.79
N CYS A 43 -2.58 -2.09 -13.98
CA CYS A 43 -3.05 -0.69 -14.21
C CYS A 43 -2.47 -0.03 -15.49
N LEU A 44 -1.30 -0.45 -15.90
CA LEU A 44 -0.65 0.13 -17.06
C LEU A 44 -1.27 -0.29 -18.41
N TYR A 45 -2.41 -0.99 -18.39
CA TYR A 45 -3.08 -1.33 -19.64
C TYR A 45 -4.41 -0.59 -19.73
N GLN A 46 -4.67 0.22 -18.70
CA GLN A 46 -5.95 0.88 -18.57
C GLN A 46 -5.90 2.26 -19.16
N ALA A 47 -4.73 2.60 -19.73
CA ALA A 47 -4.56 3.87 -20.44
C ALA A 47 -3.28 3.94 -21.27
N LYS A 48 -3.39 4.58 -22.43
CA LYS A 48 -2.28 4.68 -23.39
C LYS A 48 -1.10 5.48 -22.80
N ARG A 49 -1.40 6.62 -22.16
CA ARG A 49 -0.38 7.41 -21.49
C ARG A 49 -1.05 8.00 -20.29
N PHE A 50 -0.27 8.21 -19.21
CA PHE A 50 -0.81 8.65 -17.94
C PHE A 50 0.20 9.46 -17.11
N LYS A 51 -0.36 10.18 -16.16
CA LYS A 51 0.36 10.98 -15.19
C LYS A 51 -0.04 10.52 -13.76
N VAL A 52 0.69 11.06 -12.77
CA VAL A 52 0.48 10.75 -11.37
C VAL A 52 0.10 11.98 -10.62
N ARG A 53 -1.08 11.95 -10.01
CA ARG A 53 -1.51 12.96 -9.05
C ARG A 53 -1.34 12.50 -7.60
N VAL A 54 -0.83 13.43 -6.78
CA VAL A 54 -0.63 13.28 -5.36
C VAL A 54 -1.22 14.47 -4.57
N GLY A 55 -1.42 14.21 -3.29
CA GLY A 55 -1.99 15.20 -2.37
C GLY A 55 -3.42 15.56 -2.67
N ASP A 56 -4.15 14.76 -3.43
CA ASP A 56 -5.54 15.07 -3.72
C ASP A 56 -6.42 14.36 -2.73
N ARG A 57 -7.42 15.03 -2.22
CA ARG A 57 -8.45 14.30 -1.46
C ARG A 57 -9.82 14.32 -2.09
N ASN A 58 -10.07 15.31 -2.93
CA ASN A 58 -11.41 15.55 -3.37
C ASN A 58 -11.21 15.96 -4.76
N THR A 59 -11.45 15.04 -5.70
CA THR A 59 -11.06 15.28 -7.06
C THR A 59 -12.00 16.30 -7.74
N GLU A 60 -13.02 16.76 -7.04
CA GLU A 60 -14.02 17.62 -7.66
C GLU A 60 -13.54 19.03 -7.61
N GLN A 61 -12.98 19.40 -6.47
CA GLN A 61 -12.38 20.72 -6.28
C GLN A 61 -10.85 20.68 -6.37
N GLU A 62 -10.24 21.83 -6.10
CA GLU A 62 -8.79 21.92 -6.10
C GLU A 62 -8.45 22.53 -4.76
N GLU A 63 -8.11 21.67 -3.81
CA GLU A 63 -7.75 22.13 -2.50
C GLU A 63 -6.55 23.08 -2.58
N GLY A 64 -5.63 22.83 -3.49
CA GLY A 64 -4.28 23.40 -3.41
C GLY A 64 -3.51 22.37 -2.61
N GLY A 65 -2.22 22.17 -2.91
CA GLY A 65 -1.49 21.08 -2.30
C GLY A 65 -1.36 19.83 -3.16
N GLU A 66 -2.12 19.80 -4.25
CA GLU A 66 -2.06 18.74 -5.26
C GLU A 66 -1.06 19.02 -6.41
N ALA A 67 -0.42 17.95 -6.91
CA ALA A 67 0.54 18.08 -7.93
C ALA A 67 0.46 16.91 -8.90
N VAL A 68 0.48 17.20 -10.20
CA VAL A 68 0.66 16.18 -11.23
C VAL A 68 2.16 16.02 -11.46
N HIS A 69 2.57 14.78 -11.73
CA HIS A 69 3.92 14.45 -12.08
C HIS A 69 3.81 13.52 -13.24
N GLU A 70 4.77 13.66 -14.15
CA GLU A 70 4.88 12.86 -15.32
C GLU A 70 5.82 11.74 -15.04
N VAL A 71 5.64 10.65 -15.76
CA VAL A 71 6.30 9.43 -15.45
C VAL A 71 7.45 9.50 -16.38
N GLU A 72 8.61 9.08 -15.92
CA GLU A 72 9.77 9.00 -16.71
C GLU A 72 10.01 7.58 -17.12
N VAL A 73 9.79 6.63 -16.23
CA VAL A 73 10.15 5.23 -16.49
C VAL A 73 9.13 4.35 -15.85
N VAL A 74 8.70 3.35 -16.60
CA VAL A 74 7.77 2.40 -16.05
C VAL A 74 8.54 1.15 -15.93
N ILE A 75 8.54 0.52 -14.77
CA ILE A 75 9.16 -0.77 -14.62
C ILE A 75 8.04 -1.71 -14.25
N LYS A 76 7.70 -2.59 -15.18
CA LYS A 76 6.63 -3.53 -14.97
C LYS A 76 7.35 -4.82 -14.60
N HIS A 77 6.81 -5.63 -13.68
CA HIS A 77 7.49 -6.87 -13.41
C HIS A 77 7.62 -7.74 -14.68
N ASN A 78 8.77 -8.34 -14.90
CA ASN A 78 8.93 -9.17 -16.12
C ASN A 78 7.90 -10.32 -16.26
N ARG A 79 7.35 -10.81 -15.16
CA ARG A 79 6.50 -11.97 -15.22
C ARG A 79 5.02 -11.67 -15.18
N PHE A 80 4.65 -10.41 -15.23
CA PHE A 80 3.26 -10.11 -15.02
C PHE A 80 2.45 -10.87 -16.06
N THR A 81 1.31 -11.42 -15.66
CA THR A 81 0.42 -12.08 -16.57
C THR A 81 -1.02 -11.64 -16.46
N LYS A 82 -1.48 -10.94 -17.49
CA LYS A 82 -2.83 -10.44 -17.54
C LYS A 82 -3.81 -11.53 -17.18
N GLU A 83 -3.41 -12.77 -17.42
CA GLU A 83 -4.34 -13.89 -17.42
C GLU A 83 -4.46 -14.58 -16.07
N THR A 84 -3.45 -14.44 -15.23
CA THR A 84 -3.51 -15.07 -13.94
C THR A 84 -3.51 -14.01 -12.89
N TYR A 85 -3.24 -12.78 -13.34
CA TYR A 85 -2.90 -11.66 -12.49
C TYR A 85 -1.70 -11.88 -11.59
N ASP A 86 -0.79 -12.80 -11.90
CA ASP A 86 0.36 -13.07 -11.04
C ASP A 86 1.47 -12.05 -11.32
N PHE A 87 2.32 -11.77 -10.33
CA PHE A 87 3.26 -10.67 -10.33
C PHE A 87 2.65 -9.33 -10.71
N ASP A 88 1.53 -8.98 -10.07
CA ASP A 88 0.86 -7.75 -10.39
C ASP A 88 1.49 -6.58 -9.60
N ILE A 89 2.60 -6.05 -10.14
CA ILE A 89 3.39 -5.01 -9.48
C ILE A 89 4.27 -4.26 -10.50
N ALA A 90 4.23 -2.93 -10.42
CA ALA A 90 5.07 -2.14 -11.20
C ALA A 90 5.51 -0.96 -10.37
N VAL A 91 6.65 -0.38 -10.73
CA VAL A 91 7.21 0.85 -10.17
C VAL A 91 7.33 1.88 -11.26
N LEU A 92 7.03 3.12 -10.93
CA LEU A 92 7.13 4.27 -11.80
C LEU A 92 8.18 5.21 -11.25
N ARG A 93 9.14 5.62 -12.07
CA ARG A 93 10.00 6.71 -11.66
C ARG A 93 9.47 8.04 -12.17
N LEU A 94 9.31 9.01 -11.27
CA LEU A 94 8.79 10.26 -11.74
C LEU A 94 9.87 11.12 -12.48
N LYS A 95 9.48 11.86 -13.52
CA LYS A 95 10.42 12.87 -14.06
C LYS A 95 10.83 13.87 -12.98
N THR A 96 9.89 14.38 -12.17
CA THR A 96 10.26 15.37 -11.15
C THR A 96 9.90 14.85 -9.75
N PRO A 97 10.71 15.19 -8.74
CA PRO A 97 10.52 14.59 -7.42
C PRO A 97 9.25 15.11 -6.77
N ILE A 98 8.57 14.26 -6.01
CA ILE A 98 7.47 14.70 -5.17
C ILE A 98 7.95 15.62 -4.04
N THR A 99 7.23 16.71 -3.82
CA THR A 99 7.47 17.61 -2.71
C THR A 99 6.59 17.25 -1.54
N PHE A 100 7.15 16.60 -0.53
CA PHE A 100 6.38 16.16 0.61
C PHE A 100 5.82 17.36 1.36
N ARG A 101 4.65 17.19 1.98
CA ARG A 101 3.89 18.24 2.62
C ARG A 101 2.68 17.48 3.14
N MET A 102 1.80 18.25 3.74
CA MET A 102 0.51 17.84 4.20
C MET A 102 -0.22 17.04 3.12
N ASN A 103 -0.60 15.82 3.46
CA ASN A 103 -1.24 14.93 2.52
C ASN A 103 -0.36 14.33 1.48
N VAL A 104 0.94 14.61 1.55
CA VAL A 104 1.84 13.97 0.62
C VAL A 104 3.08 13.49 1.31
N ALA A 105 3.27 12.19 1.40
CA ALA A 105 4.40 11.63 2.17
C ALA A 105 4.50 10.14 1.87
N PRO A 106 5.73 9.56 1.99
CA PRO A 106 5.88 8.13 1.71
C PRO A 106 5.39 7.17 2.81
N ALA A 107 4.97 5.99 2.37
CA ALA A 107 4.73 4.85 3.31
C ALA A 107 6.09 4.13 3.40
N CYS A 108 6.41 3.47 4.50
CA CYS A 108 7.69 2.80 4.64
C CYS A 108 7.61 1.43 4.01
N LEU A 109 8.75 1.01 3.49
CA LEU A 109 8.96 -0.39 3.06
C LEU A 109 9.48 -1.20 4.24
N PRO A 110 8.84 -2.31 4.54
CA PRO A 110 9.31 -3.10 5.67
C PRO A 110 10.50 -3.98 5.26
N GLU A 111 11.14 -4.67 6.20
CA GLU A 111 12.01 -5.78 5.85
C GLU A 111 11.13 -7.02 5.68
N ARG A 112 11.56 -7.96 4.80
CA ARG A 112 10.76 -9.16 4.53
C ARG A 112 10.35 -9.99 5.78
N ASP A 113 11.31 -10.62 6.43
CA ASP A 113 10.95 -11.51 7.51
C ASP A 113 10.14 -10.83 8.59
N TRP A 114 10.59 -9.65 9.01
CA TRP A 114 9.81 -8.88 10.00
C TRP A 114 8.41 -8.60 9.54
N ALA A 115 8.27 -8.19 8.29
CA ALA A 115 6.93 -7.88 7.71
C ALA A 115 5.99 -9.11 7.81
N GLU A 116 6.50 -10.26 7.39
CA GLU A 116 5.72 -11.49 7.35
C GLU A 116 5.46 -12.01 8.73
N SER A 117 6.46 -11.97 9.60
CA SER A 117 6.23 -12.41 11.00
C SER A 117 5.38 -11.43 11.84
N THR A 118 5.56 -10.12 11.65
CA THR A 118 4.81 -9.16 12.49
C THR A 118 3.68 -8.35 11.83
N LEU A 119 3.86 -7.93 10.60
CA LEU A 119 2.91 -7.02 9.99
C LEU A 119 1.78 -7.86 9.50
N MET A 120 2.08 -8.92 8.75
CA MET A 120 0.98 -9.70 8.19
C MET A 120 0.27 -10.53 9.16
N THR A 121 0.70 -10.53 10.40
CA THR A 121 0.03 -11.27 11.40
C THR A 121 -0.75 -10.34 12.28
N GLN A 122 -0.72 -9.03 12.05
CA GLN A 122 -1.64 -8.12 12.76
C GLN A 122 -3.04 -8.55 12.31
N LYS A 123 -4.08 -7.95 12.85
CA LYS A 123 -5.41 -8.30 12.43
C LYS A 123 -5.86 -7.64 11.16
N THR A 124 -5.54 -6.37 11.02
CA THR A 124 -6.10 -5.63 9.91
C THR A 124 -5.02 -4.80 9.27
N GLY A 125 -5.23 -4.45 7.99
CA GLY A 125 -4.55 -3.31 7.38
C GLY A 125 -5.53 -2.28 6.81
N ILE A 126 -5.03 -1.25 6.13
CA ILE A 126 -5.86 -0.19 5.62
C ILE A 126 -5.56 -0.08 4.17
N VAL A 127 -6.61 -0.09 3.37
CA VAL A 127 -6.51 0.04 1.94
C VAL A 127 -7.31 1.30 1.68
N SER A 128 -6.97 2.03 0.61
CA SER A 128 -7.49 3.34 0.39
C SER A 128 -7.57 3.65 -1.09
N GLY A 129 -8.42 4.62 -1.45
CA GLY A 129 -8.65 4.83 -2.91
C GLY A 129 -9.79 5.70 -3.37
N PHE A 130 -9.72 6.09 -4.62
CA PHE A 130 -10.78 6.85 -5.31
C PHE A 130 -11.71 5.95 -6.13
N GLY A 131 -11.77 4.69 -5.79
CA GLY A 131 -12.43 3.79 -6.65
C GLY A 131 -13.89 3.80 -6.42
N ARG A 132 -14.55 2.92 -7.15
CA ARG A 132 -15.97 2.82 -7.14
C ARG A 132 -16.61 2.56 -5.78
N THR A 133 -17.80 3.10 -5.59
CA THR A 133 -18.43 3.00 -4.27
C THR A 133 -19.38 1.84 -4.12
N HIS A 134 -19.69 1.15 -5.22
CA HIS A 134 -20.32 -0.17 -5.17
C HIS A 134 -19.95 -0.85 -6.45
N GLU A 135 -20.26 -2.14 -6.58
CA GLU A 135 -19.89 -2.86 -7.79
C GLU A 135 -20.37 -2.14 -9.05
N LYS A 136 -21.66 -1.80 -9.03
CA LYS A 136 -22.33 -1.13 -10.17
C LYS A 136 -22.30 0.42 -10.18
N GLY A 137 -21.60 1.02 -9.22
CA GLY A 137 -21.58 2.48 -9.05
C GLY A 137 -20.53 3.33 -9.76
N ARG A 138 -20.42 4.58 -9.30
CA ARG A 138 -19.46 5.49 -9.88
C ARG A 138 -18.29 5.59 -8.95
N GLN A 139 -17.18 6.04 -9.52
CA GLN A 139 -15.98 6.30 -8.78
C GLN A 139 -16.21 7.39 -7.79
N SER A 140 -15.52 7.28 -6.67
CA SER A 140 -15.63 8.24 -5.61
C SER A 140 -14.86 9.52 -5.97
N THR A 141 -15.39 10.64 -5.50
CA THR A 141 -14.73 11.95 -5.70
C THR A 141 -13.93 12.30 -4.46
N ARG A 142 -14.30 11.71 -3.33
CA ARG A 142 -13.52 11.80 -2.08
C ARG A 142 -12.59 10.57 -1.97
N LEU A 143 -11.43 10.73 -1.37
CA LEU A 143 -10.54 9.65 -1.12
C LEU A 143 -10.99 8.89 0.12
N LYS A 144 -11.04 7.56 0.00
CA LYS A 144 -11.57 6.75 1.09
C LYS A 144 -10.57 5.76 1.57
N MET A 145 -10.73 5.39 2.84
CA MET A 145 -9.98 4.33 3.48
C MET A 145 -10.93 3.26 4.06
N LEU A 146 -10.38 2.07 4.28
CA LEU A 146 -11.15 0.96 4.81
C LEU A 146 -10.21 0.05 5.53
N GLU A 147 -10.53 -0.26 6.78
CA GLU A 147 -9.83 -1.28 7.51
C GLU A 147 -10.26 -2.70 7.07
N VAL A 148 -9.29 -3.54 6.66
CA VAL A 148 -9.60 -4.91 6.15
C VAL A 148 -8.78 -5.98 6.87
N PRO A 149 -9.48 -6.93 7.48
CA PRO A 149 -8.81 -7.99 8.23
C PRO A 149 -7.99 -8.82 7.27
N TYR A 150 -6.85 -9.28 7.71
CA TYR A 150 -6.12 -10.27 6.96
C TYR A 150 -6.99 -11.49 6.86
N VAL A 151 -6.96 -12.17 5.73
CA VAL A 151 -7.67 -13.44 5.66
C VAL A 151 -6.69 -14.63 5.67
N ASP A 152 -6.98 -15.62 6.49
CA ASP A 152 -6.28 -16.92 6.47
C ASP A 152 -6.11 -17.42 5.01
N ARG A 153 -4.91 -17.90 4.65
CA ARG A 153 -4.58 -18.28 3.26
C ARG A 153 -5.52 -19.33 2.67
N ASN A 154 -5.78 -20.34 3.50
CA ASN A 154 -6.59 -21.49 3.14
C ASN A 154 -8.01 -21.14 2.82
N SER A 155 -8.68 -20.52 3.80
CA SER A 155 -10.03 -20.03 3.62
C SER A 155 -10.09 -19.33 2.31
N CYS A 156 -9.11 -18.49 2.07
CA CYS A 156 -9.20 -17.65 0.93
C CYS A 156 -8.94 -18.34 -0.39
N LYS A 157 -8.06 -19.34 -0.40
CA LYS A 157 -8.07 -20.21 -1.59
C LYS A 157 -9.41 -20.96 -1.68
N LEU A 158 -9.96 -21.38 -0.56
CA LEU A 158 -11.23 -22.07 -0.61
C LEU A 158 -12.30 -21.22 -1.26
N SER A 159 -12.32 -19.93 -0.92
CA SER A 159 -13.33 -19.00 -1.45
C SER A 159 -13.15 -18.68 -2.94
N SER A 160 -11.99 -18.93 -3.49
CA SER A 160 -11.66 -18.29 -4.76
C SER A 160 -11.96 -19.16 -5.98
N SER A 161 -12.55 -18.57 -7.02
CA SER A 161 -12.76 -19.30 -8.25
C SER A 161 -11.45 -19.39 -8.98
N PHE A 162 -10.52 -18.48 -8.72
CA PHE A 162 -9.23 -18.47 -9.45
C PHE A 162 -8.05 -18.83 -8.57
N ILE A 163 -6.90 -19.12 -9.13
CA ILE A 163 -5.82 -19.53 -8.27
C ILE A 163 -5.24 -18.37 -7.44
N ILE A 164 -5.02 -18.61 -6.15
CA ILE A 164 -4.29 -17.64 -5.37
C ILE A 164 -2.80 -18.04 -5.26
N THR A 165 -1.96 -17.27 -5.91
CA THR A 165 -0.57 -17.65 -5.96
C THR A 165 0.11 -17.22 -4.67
N GLN A 166 1.38 -17.54 -4.53
CA GLN A 166 2.17 -17.13 -3.38
C GLN A 166 2.55 -15.65 -3.46
N ASN A 167 2.26 -15.02 -4.60
CA ASN A 167 2.42 -13.58 -4.72
C ASN A 167 1.18 -12.81 -4.29
N MET A 168 0.14 -13.49 -3.82
CA MET A 168 -1.05 -12.78 -3.55
C MET A 168 -1.41 -13.04 -2.10
N PHE A 169 -2.25 -12.19 -1.50
CA PHE A 169 -2.86 -12.54 -0.23
C PHE A 169 -4.27 -11.99 -0.15
N CYS A 170 -5.11 -12.54 0.68
CA CYS A 170 -6.54 -12.16 0.71
C CYS A 170 -6.77 -11.25 1.90
N ALA A 171 -7.59 -10.22 1.73
CA ALA A 171 -8.05 -9.45 2.89
C ALA A 171 -9.42 -8.96 2.62
N GLY A 172 -10.19 -8.78 3.69
CA GLY A 172 -11.50 -8.18 3.60
C GLY A 172 -12.49 -8.97 4.43
N TYR A 173 -13.74 -9.06 3.96
CA TYR A 173 -14.82 -9.58 4.81
C TYR A 173 -15.53 -10.61 3.99
N ASP A 174 -15.96 -11.66 4.66
CA ASP A 174 -16.77 -12.67 4.05
C ASP A 174 -18.15 -12.08 3.66
N THR A 175 -18.85 -11.54 4.62
CA THR A 175 -20.17 -11.06 4.28
C THR A 175 -20.35 -9.53 4.38
N LYS A 176 -19.75 -8.87 5.37
CA LYS A 176 -19.86 -7.42 5.48
C LYS A 176 -19.63 -6.71 4.14
N GLN A 177 -20.44 -5.70 3.83
CA GLN A 177 -20.32 -5.04 2.55
C GLN A 177 -19.23 -4.00 2.52
N GLU A 178 -17.98 -4.43 2.68
CA GLU A 178 -16.84 -3.52 2.63
C GLU A 178 -15.70 -4.15 1.81
N ASP A 179 -15.14 -3.39 0.90
CA ASP A 179 -14.11 -3.93 0.05
C ASP A 179 -13.58 -2.78 -0.78
N ALA A 180 -12.41 -2.98 -1.35
CA ALA A 180 -11.88 -2.19 -2.45
C ALA A 180 -12.82 -2.51 -3.56
N CYS A 181 -12.59 -1.85 -4.71
CA CYS A 181 -13.36 -2.00 -5.90
C CYS A 181 -12.67 -1.31 -7.13
N GLN A 182 -13.25 -1.52 -8.32
CA GLN A 182 -12.66 -0.97 -9.54
C GLN A 182 -12.21 0.46 -9.28
N GLY A 183 -10.97 0.74 -9.68
CA GLY A 183 -10.48 2.07 -9.50
C GLY A 183 -9.52 2.16 -8.34
N ASP A 184 -9.67 1.26 -7.34
CA ASP A 184 -8.79 1.26 -6.23
C ASP A 184 -7.52 0.54 -6.57
N SER A 185 -7.53 -0.23 -7.65
CA SER A 185 -6.36 -1.06 -8.02
C SER A 185 -5.04 -0.35 -8.11
N GLY A 186 -3.95 -1.03 -7.73
CA GLY A 186 -2.63 -0.44 -7.71
C GLY A 186 -2.48 0.37 -6.43
N GLY A 187 -3.58 0.67 -5.73
CA GLY A 187 -3.54 1.52 -4.53
C GLY A 187 -2.88 0.93 -3.31
N PRO A 188 -2.70 1.72 -2.26
CA PRO A 188 -2.03 1.13 -1.10
C PRO A 188 -2.83 0.13 -0.24
N HIS A 189 -2.14 -0.94 0.23
CA HIS A 189 -2.52 -1.66 1.42
C HIS A 189 -1.35 -1.46 2.39
N VAL A 190 -1.65 -0.86 3.54
CA VAL A 190 -0.63 -0.58 4.54
C VAL A 190 -1.09 -1.10 5.89
N THR A 191 -0.11 -1.43 6.71
CA THR A 191 -0.37 -2.03 7.99
C THR A 191 0.31 -1.11 8.94
N ARG A 192 -0.41 -0.74 9.98
CA ARG A 192 0.12 0.12 11.03
C ARG A 192 0.82 -0.62 12.11
N PHE A 193 1.94 -0.10 12.58
CA PHE A 193 2.63 -0.73 13.67
C PHE A 193 3.20 0.35 14.55
N LYS A 194 2.75 0.31 15.81
CA LYS A 194 2.98 1.40 16.76
C LYS A 194 2.50 2.62 16.03
N ASP A 195 3.31 3.62 15.74
CA ASP A 195 2.64 4.66 14.94
C ASP A 195 3.18 4.91 13.54
N THR A 196 3.55 3.81 12.89
CA THR A 196 4.18 3.89 11.57
C THR A 196 3.38 2.96 10.65
N TYR A 197 3.19 3.42 9.42
CA TYR A 197 2.49 2.69 8.41
C TYR A 197 3.48 2.14 7.38
N PHE A 198 3.39 0.84 7.14
CA PHE A 198 4.30 0.16 6.25
C PHE A 198 3.58 -0.36 5.06
N VAL A 199 4.10 -0.21 3.86
CA VAL A 199 3.34 -0.86 2.76
C VAL A 199 3.37 -2.40 2.86
N THR A 200 2.21 -3.06 2.71
CA THR A 200 2.12 -4.50 2.74
C THR A 200 1.45 -5.08 1.44
N GLY A 201 0.72 -4.29 0.68
CA GLY A 201 0.07 -4.95 -0.42
C GLY A 201 -0.28 -3.95 -1.45
N ILE A 202 -0.76 -4.39 -2.59
CA ILE A 202 -1.17 -3.50 -3.65
C ILE A 202 -2.55 -4.02 -3.98
N VAL A 203 -3.57 -3.16 -4.04
CA VAL A 203 -4.89 -3.56 -4.45
C VAL A 203 -4.76 -4.15 -5.90
N SER A 204 -5.02 -5.44 -6.04
CA SER A 204 -4.86 -6.13 -7.31
C SER A 204 -6.22 -6.51 -7.88
N TRP A 205 -6.93 -7.48 -7.28
CA TRP A 205 -8.22 -7.88 -7.82
C TRP A 205 -9.19 -8.45 -6.79
N GLY A 206 -10.41 -8.70 -7.26
CA GLY A 206 -11.44 -9.39 -6.49
C GLY A 206 -12.52 -9.79 -7.48
N GLU A 207 -13.32 -10.80 -7.12
CA GLU A 207 -14.49 -11.25 -7.91
C GLU A 207 -15.74 -10.41 -7.58
N GLY A 208 -15.97 -9.35 -8.35
CA GLY A 208 -16.93 -8.32 -7.99
C GLY A 208 -16.36 -7.31 -7.01
N CYS A 209 -17.25 -6.71 -6.18
CA CYS A 209 -16.78 -5.84 -5.13
C CYS A 209 -17.68 -6.11 -3.95
N ALA A 210 -17.10 -6.54 -2.85
CA ALA A 210 -17.82 -6.78 -1.60
C ALA A 210 -18.88 -7.87 -1.68
N ARG A 211 -18.76 -8.82 -2.61
CA ARG A 211 -19.59 -10.02 -2.66
C ARG A 211 -19.48 -10.88 -1.41
N LYS A 212 -20.57 -11.54 -1.02
CA LYS A 212 -20.55 -12.44 0.12
C LYS A 212 -19.65 -13.67 -0.17
N GLY A 213 -18.87 -14.03 0.85
CA GLY A 213 -17.98 -15.16 0.74
C GLY A 213 -16.78 -14.99 -0.15
N LYS A 214 -16.62 -13.81 -0.76
CA LYS A 214 -15.42 -13.41 -1.50
C LYS A 214 -14.60 -12.32 -0.79
N TYR A 215 -13.29 -12.31 -1.00
CA TYR A 215 -12.39 -11.33 -0.43
C TYR A 215 -11.72 -10.49 -1.50
N GLY A 216 -10.95 -9.50 -1.03
CA GLY A 216 -10.07 -8.74 -1.91
C GLY A 216 -8.75 -9.48 -1.96
N ILE A 217 -8.18 -9.55 -3.17
CA ILE A 217 -6.88 -10.11 -3.41
C ILE A 217 -5.79 -8.97 -3.66
N TYR A 218 -4.71 -9.02 -2.87
CA TYR A 218 -3.61 -8.04 -2.86
C TYR A 218 -2.28 -8.66 -3.31
N THR A 219 -1.43 -7.90 -3.97
CA THR A 219 -0.12 -8.45 -4.29
C THR A 219 0.66 -8.47 -3.03
N LYS A 220 1.36 -9.56 -2.77
CA LYS A 220 2.17 -9.64 -1.59
C LYS A 220 3.46 -8.89 -1.79
N VAL A 221 3.51 -7.72 -1.16
CA VAL A 221 4.66 -6.87 -1.29
C VAL A 221 5.91 -7.52 -0.72
N THR A 222 5.77 -8.27 0.37
CA THR A 222 6.97 -8.83 0.92
C THR A 222 7.70 -9.78 -0.02
N ALA A 223 7.03 -10.39 -0.99
CA ALA A 223 7.65 -11.24 -2.00
C ALA A 223 8.49 -10.44 -3.01
N PHE A 224 8.39 -9.12 -3.01
CA PHE A 224 9.00 -8.36 -4.04
C PHE A 224 9.84 -7.25 -3.52
N LEU A 225 10.15 -7.28 -2.23
CA LEU A 225 11.01 -6.29 -1.66
C LEU A 225 12.36 -6.15 -2.34
N LYS A 226 12.99 -7.25 -2.71
CA LYS A 226 14.33 -7.18 -3.28
C LYS A 226 14.23 -6.58 -4.64
N TRP A 227 13.20 -7.03 -5.37
CA TRP A 227 12.90 -6.51 -6.67
C TRP A 227 12.56 -5.02 -6.66
N ILE A 228 11.83 -4.57 -5.63
CA ILE A 228 11.45 -3.15 -5.56
C ILE A 228 12.71 -2.37 -5.38
N ASP A 229 13.59 -2.88 -4.52
CA ASP A 229 14.87 -2.31 -4.26
C ASP A 229 15.67 -2.16 -5.55
N ARG A 230 15.77 -3.24 -6.32
CA ARG A 230 16.53 -3.19 -7.58
C ARG A 230 15.96 -2.12 -8.41
N SER A 231 14.67 -2.22 -8.75
CA SER A 231 13.97 -1.21 -9.51
C SER A 231 14.29 0.24 -9.09
N MET A 232 14.48 0.47 -7.79
CA MET A 232 14.63 1.84 -7.32
C MET A 232 16.10 2.18 -7.45
N LYS A 233 16.84 1.24 -8.01
CA LYS A 233 18.30 1.17 -8.02
C LYS A 233 19.00 0.86 -6.67
N THR B 41 6.91 -20.66 24.04
CA THR B 41 7.61 -19.76 25.03
C THR B 41 8.19 -18.53 24.28
N ARG B 42 7.45 -17.43 24.32
CA ARG B 42 7.68 -16.27 23.44
C ARG B 42 8.87 -15.45 23.88
N LYS B 43 9.88 -15.39 23.03
CA LYS B 43 11.13 -14.75 23.40
C LYS B 43 11.48 -13.68 22.40
N LEU B 44 12.49 -12.90 22.73
CA LEU B 44 13.10 -11.92 21.85
C LEU B 44 12.10 -11.20 20.94
N CYS B 45 12.33 -11.24 19.65
CA CYS B 45 11.46 -10.50 18.77
C CYS B 45 10.03 -10.97 18.94
N SER B 46 9.83 -12.19 19.41
CA SER B 46 8.44 -12.69 19.54
C SER B 46 7.74 -12.10 20.77
N LEU B 47 8.48 -11.56 21.72
CA LEU B 47 7.83 -10.93 22.87
C LEU B 47 7.70 -9.42 22.64
N ASP B 48 6.51 -9.00 22.26
CA ASP B 48 6.30 -7.57 22.08
C ASP B 48 7.41 -6.94 21.20
N ASN B 49 7.73 -7.58 20.09
CA ASN B 49 8.65 -7.02 19.07
C ASN B 49 10.01 -6.67 19.70
N GLY B 50 10.25 -7.22 20.88
CA GLY B 50 11.58 -7.17 21.50
C GLY B 50 11.89 -5.79 22.04
N ASP B 51 10.81 -5.04 22.23
CA ASP B 51 10.84 -3.62 22.67
C ASP B 51 11.20 -2.70 21.53
N CYS B 52 11.43 -3.24 20.32
CA CYS B 52 11.84 -2.41 19.17
C CYS B 52 10.75 -1.46 18.67
N ASP B 53 11.02 -0.21 18.25
CA ASP B 53 9.94 0.53 17.56
C ASP B 53 9.52 -0.03 16.19
N GLN B 54 10.45 -0.66 15.48
CA GLN B 54 10.18 -1.09 14.12
C GLN B 54 10.80 -2.48 13.96
N PHE B 55 11.85 -2.61 13.15
CA PHE B 55 12.29 -3.97 12.76
C PHE B 55 13.01 -4.60 13.95
N CYS B 56 12.69 -5.83 14.25
CA CYS B 56 13.43 -6.56 15.23
C CYS B 56 14.13 -7.77 14.55
N HIS B 57 15.28 -8.16 15.05
CA HIS B 57 16.00 -9.35 14.61
C HIS B 57 16.64 -10.02 15.83
N GLU B 58 16.51 -11.34 15.86
CA GLU B 58 17.12 -12.16 16.87
C GLU B 58 18.45 -12.50 16.25
N GLU B 59 19.52 -12.00 16.82
CA GLU B 59 20.85 -12.14 16.27
C GLU B 59 21.73 -12.64 17.37
N GLN B 60 22.27 -13.85 17.17
CA GLN B 60 22.73 -14.73 18.27
C GLN B 60 21.47 -15.05 19.02
N ASN B 61 21.49 -14.90 20.33
CA ASN B 61 20.28 -15.11 21.03
C ASN B 61 19.80 -13.81 21.70
N SER B 62 20.15 -12.68 21.09
CA SER B 62 19.61 -11.39 21.54
C SER B 62 18.98 -10.53 20.43
N VAL B 63 18.12 -9.60 20.85
CA VAL B 63 17.29 -8.77 19.97
C VAL B 63 18.17 -7.67 19.44
N VAL B 64 18.14 -7.46 18.12
CA VAL B 64 18.74 -6.30 17.48
C VAL B 64 17.61 -5.56 16.73
N CYS B 65 17.39 -4.30 17.14
CA CYS B 65 16.35 -3.49 16.59
C CYS B 65 16.88 -2.63 15.46
N SER B 66 16.02 -2.33 14.49
CA SER B 66 16.52 -1.37 13.48
C SER B 66 15.32 -0.64 12.85
N CYS B 67 15.56 0.30 11.94
CA CYS B 67 14.51 1.27 11.56
C CYS B 67 14.43 1.45 10.05
N ALA B 68 13.27 1.73 9.52
CA ALA B 68 13.15 2.04 8.11
C ALA B 68 14.02 3.22 7.66
N ARG B 69 14.14 3.34 6.35
CA ARG B 69 14.97 4.42 5.78
C ARG B 69 14.33 5.74 6.11
N GLY B 70 15.14 6.64 6.61
CA GLY B 70 14.70 7.97 6.98
C GLY B 70 14.52 8.09 8.45
N TYR B 71 14.97 7.06 9.21
CA TYR B 71 14.99 7.07 10.69
C TYR B 71 16.35 6.64 11.22
N THR B 72 16.72 7.11 12.41
CA THR B 72 17.85 6.53 13.07
C THR B 72 17.51 5.94 14.40
N LEU B 73 18.18 4.85 14.68
CA LEU B 73 18.10 4.18 15.92
C LEU B 73 18.54 5.11 17.05
N ALA B 74 17.71 5.32 18.06
CA ALA B 74 18.11 6.13 19.22
C ALA B 74 19.21 5.44 19.99
N ASP B 75 19.74 6.14 21.01
CA ASP B 75 20.88 5.75 21.86
C ASP B 75 20.53 4.52 22.64
N ASN B 76 19.29 4.41 23.07
CA ASN B 76 18.86 3.21 23.68
C ASN B 76 18.87 2.01 22.71
N GLY B 77 19.05 2.26 21.42
CA GLY B 77 19.11 1.11 20.49
C GLY B 77 17.78 0.38 20.33
N LYS B 78 16.65 1.02 20.64
CA LYS B 78 15.36 0.41 20.38
C LYS B 78 14.40 1.35 19.60
N ALA B 79 14.45 2.63 19.97
CA ALA B 79 13.57 3.66 19.41
C ALA B 79 14.08 4.17 18.07
N CYS B 80 13.15 4.58 17.19
CA CYS B 80 13.50 5.05 15.87
C CYS B 80 13.12 6.50 15.75
N ILE B 81 14.09 7.32 15.44
CA ILE B 81 13.91 8.78 15.45
C ILE B 81 14.00 9.25 14.00
N PRO B 82 13.07 10.07 13.56
CA PRO B 82 13.07 10.58 12.22
C PRO B 82 14.20 11.59 12.05
N THR B 83 14.97 11.44 10.96
CA THR B 83 16.02 12.38 10.62
C THR B 83 15.57 13.61 9.81
N GLY B 84 14.35 13.64 9.28
CA GLY B 84 13.91 14.81 8.52
C GLY B 84 12.45 15.05 8.77
N PRO B 85 11.83 15.99 8.02
CA PRO B 85 10.40 15.91 8.15
C PRO B 85 9.92 15.04 7.00
N TYR B 86 8.63 14.71 7.06
CA TYR B 86 8.02 13.83 6.09
C TYR B 86 8.77 12.50 6.14
N PRO B 87 8.96 11.96 7.35
CA PRO B 87 9.48 10.57 7.38
C PRO B 87 8.39 9.61 6.87
N CYS B 88 8.79 8.46 6.35
CA CYS B 88 7.84 7.54 5.87
C CYS B 88 6.95 7.02 6.99
N GLY B 89 5.71 6.77 6.65
CA GLY B 89 4.89 5.95 7.49
C GLY B 89 4.18 6.75 8.51
N LYS B 90 4.32 8.07 8.47
CA LYS B 90 3.57 9.01 9.35
C LYS B 90 2.45 9.87 8.66
N GLN B 91 1.28 9.88 9.28
CA GLN B 91 0.21 10.76 8.86
C GLN B 91 0.73 12.21 9.04
N THR B 92 0.46 13.07 8.05
CA THR B 92 0.92 14.46 8.05
C THR B 92 -0.11 15.25 8.87
N LEU B 93 0.06 15.30 10.16
CA LEU B 93 -1.04 15.83 10.97
C LEU B 93 -0.67 16.06 12.42
N GLU B 94 0.17 15.20 12.98
CA GLU B 94 0.75 15.48 14.29
C GLU B 94 2.05 16.22 14.07
CA CA C . -8.59 18.33 -5.27
CA CA D . -16.78 -10.25 0.93
C18 D91 E . -14.48 -7.72 -11.78
C19 D91 E . -13.97 -7.10 -10.48
N17 D91 E . -13.27 -8.41 -12.18
C16 D91 E . -12.19 -7.61 -12.75
C15 D91 E . -11.69 -6.84 -11.52
N12 D91 E . -12.82 -6.23 -10.82
S11 D91 E . -12.70 -4.69 -10.02
O13 D91 E . -11.76 -3.84 -10.72
O14 D91 E . -14.06 -4.27 -9.73
C8 D91 E . -12.07 -5.11 -8.42
C9 D91 E . -10.63 -4.85 -8.21
C4 D91 E . -10.56 -5.24 -6.75
C5 D91 E . -9.59 -5.32 -5.83
C6 D91 E . -9.92 -5.78 -4.56
CL D91 E . -8.56 -5.82 -3.48
C3 D91 E . -11.87 -5.68 -6.37
N7 D91 E . -12.71 -5.58 -7.37
C2 D91 E . -12.20 -6.09 -5.10
C1 D91 E . -11.21 -6.16 -4.15
C20 D91 E . -13.16 -9.77 -11.85
O22 D91 E . -14.10 -10.25 -11.22
C21 D91 E . -12.00 -10.65 -12.07
N23 D91 E . -10.82 -10.29 -11.54
C24 D91 E . -9.78 -11.11 -11.68
C25 D91 E . -9.88 -12.30 -12.37
C26 D91 E . -11.13 -12.62 -12.87
N27 D91 E . -12.20 -11.82 -12.73
C28 D91 E . -8.71 -13.21 -12.48
C29 D91 E . -7.99 -13.46 -11.32
C30 D91 E . -6.89 -14.33 -11.34
N31 D91 E . -6.52 -14.97 -12.44
C32 D91 E . -7.24 -14.74 -13.56
C33 D91 E . -8.34 -13.88 -13.63
#